data_7UF0
#
_entry.id   7UF0
#
_cell.length_a   60.671
_cell.length_b   78.625
_cell.length_c   90.319
_cell.angle_alpha   90.000
_cell.angle_beta   90.000
_cell.angle_gamma   90.000
#
_symmetry.space_group_name_H-M   'C 2 2 21'
#
loop_
_entity.id
_entity.type
_entity.pdbx_description
1 polymer '3,4-dihydroxy-2-butanone 4-phosphate synthase'
2 non-polymer RIBULOSE-5-PHOSPHATE
3 water water
#
_entity_poly.entity_id   1
_entity_poly.type   'polypeptide(L)'
_entity_poly.pdbx_seq_one_letter_code
;MNQSSLLAEFGDPITRVENALQALREGRGVLLLDDEDRENEGDIIYAVESLTTAQMALMIRECSGIVCLCLTEAQADRLA
LPPMVVNNNSANQTAFTVSIEAKHGVTTGVSAQDRVTTIKTAANPQAKPEDLARPGHVFPLRARAGGVLARRGHTEGTVD
LMQMAGLQPAGVLCELTNPDGSMAKTPEIIEFGKLHNMPVLTIEDMVQYRIQFDLKLA
;
_entity_poly.pdbx_strand_id   A
#
loop_
_chem_comp.id
_chem_comp.type
_chem_comp.name
_chem_comp.formula
5RP saccharide RIBULOSE-5-PHOSPHATE 'C5 H11 O8 P'
#
# COMPACT_ATOMS: atom_id res chain seq x y z
N ASN A 2 -21.47 -12.14 -7.41
CA ASN A 2 -20.19 -11.90 -8.08
C ASN A 2 -19.53 -10.63 -7.54
N GLN A 3 -18.31 -10.33 -8.02
CA GLN A 3 -17.56 -9.22 -7.46
C GLN A 3 -18.01 -7.89 -8.07
N SER A 4 -18.06 -7.83 -9.40
CA SER A 4 -18.63 -6.68 -10.09
C SER A 4 -19.94 -6.26 -9.42
N SER A 5 -20.85 -7.21 -9.21
CA SER A 5 -22.12 -6.89 -8.58
C SER A 5 -21.91 -6.40 -7.15
N LEU A 6 -21.01 -7.03 -6.40
CA LEU A 6 -20.86 -6.66 -4.99
C LEU A 6 -20.30 -5.25 -4.86
N LEU A 7 -19.37 -4.89 -5.73
CA LEU A 7 -18.77 -3.56 -5.68
C LEU A 7 -19.63 -2.48 -6.31
N ALA A 8 -20.74 -2.84 -6.96
CA ALA A 8 -21.59 -1.86 -7.62
C ALA A 8 -22.04 -0.76 -6.67
N GLU A 9 -22.28 -1.09 -5.40
CA GLU A 9 -22.74 -0.12 -4.43
C GLU A 9 -21.67 0.92 -4.09
N PHE A 10 -20.39 0.62 -4.34
CA PHE A 10 -19.36 1.64 -4.26
C PHE A 10 -19.31 2.52 -5.50
N GLY A 11 -20.19 2.29 -6.45
CA GLY A 11 -20.22 3.03 -7.70
C GLY A 11 -19.73 2.17 -8.86
N ASP A 12 -19.70 2.79 -10.02
CA ASP A 12 -19.11 2.18 -11.21
C ASP A 12 -17.59 2.30 -11.14
N PRO A 13 -16.87 1.61 -12.03
CA PRO A 13 -15.40 1.59 -11.90
C PRO A 13 -14.74 2.96 -11.89
N ILE A 14 -15.19 3.90 -12.72
CA ILE A 14 -14.58 5.22 -12.71
C ILE A 14 -14.85 5.90 -11.38
N THR A 15 -16.08 5.75 -10.89
CA THR A 15 -16.45 6.36 -9.63
C THR A 15 -15.66 5.74 -8.49
N ARG A 16 -15.45 4.44 -8.54
CA ARG A 16 -14.71 3.79 -7.45
C ARG A 16 -13.31 4.35 -7.37
N VAL A 17 -12.69 4.62 -8.53
CA VAL A 17 -11.36 5.20 -8.54
C VAL A 17 -11.40 6.64 -8.02
N GLU A 18 -12.36 7.43 -8.48
CA GLU A 18 -12.39 8.84 -8.08
C GLU A 18 -12.64 8.96 -6.59
N ASN A 19 -13.50 8.11 -6.05
CA ASN A 19 -13.78 8.16 -4.62
C ASN A 19 -12.55 7.75 -3.82
N ALA A 20 -11.77 6.80 -4.33
CA ALA A 20 -10.56 6.39 -3.61
C ALA A 20 -9.54 7.52 -3.60
N LEU A 21 -9.35 8.17 -4.76
CA LEU A 21 -8.42 9.29 -4.83
C LEU A 21 -8.81 10.40 -3.88
N GLN A 22 -10.09 10.76 -3.85
CA GLN A 22 -10.54 11.82 -2.95
C GLN A 22 -10.33 11.44 -1.48
N ALA A 23 -10.59 10.19 -1.13
CA ALA A 23 -10.33 9.76 0.23
C ALA A 23 -8.86 9.94 0.59
N LEU A 24 -7.93 9.54 -0.29
CA LEU A 24 -6.51 9.73 0.00
C LEU A 24 -6.17 11.21 0.18
N ARG A 25 -6.71 12.07 -0.70
CA ARG A 25 -6.47 13.51 -0.60
C ARG A 25 -6.94 14.04 0.75
N GLU A 26 -8.00 13.45 1.29
CA GLU A 26 -8.53 13.83 2.59
C GLU A 26 -7.77 13.19 3.74
N GLY A 27 -6.77 12.36 3.45
CA GLY A 27 -6.02 11.74 4.52
C GLY A 27 -6.62 10.46 5.03
N ARG A 28 -7.61 9.91 4.32
CA ARG A 28 -8.28 8.68 4.70
C ARG A 28 -7.66 7.51 3.94
N GLY A 29 -7.95 6.31 4.42
CA GLY A 29 -7.49 5.10 3.78
C GLY A 29 -8.49 4.51 2.81
N VAL A 30 -8.00 3.60 1.97
CA VAL A 30 -8.82 2.91 0.98
C VAL A 30 -8.52 1.42 1.08
N LEU A 31 -9.39 0.63 0.47
CA LEU A 31 -9.21 -0.82 0.40
C LEU A 31 -9.06 -1.22 -1.06
N LEU A 32 -7.94 -1.86 -1.40
CA LEU A 32 -7.63 -2.23 -2.77
C LEU A 32 -7.60 -3.75 -2.92
N LEU A 33 -8.41 -4.26 -3.83
CA LEU A 33 -8.45 -5.67 -4.17
C LEU A 33 -7.66 -5.90 -5.47
N ASP A 34 -6.84 -6.95 -5.50
CA ASP A 34 -6.22 -7.32 -6.76
C ASP A 34 -7.15 -8.33 -7.45
N ASP A 35 -6.67 -8.92 -8.55
CA ASP A 35 -7.50 -9.79 -9.37
C ASP A 35 -7.93 -11.03 -8.60
N GLU A 36 -9.18 -11.44 -8.85
CA GLU A 36 -9.71 -12.62 -8.18
C GLU A 36 -8.83 -13.84 -8.42
N ASP A 37 -8.17 -13.92 -9.58
CA ASP A 37 -7.33 -15.06 -9.93
C ASP A 37 -5.86 -14.84 -9.56
N ARG A 38 -5.56 -13.77 -8.81
CA ARG A 38 -4.22 -13.49 -8.33
C ARG A 38 -4.18 -13.78 -6.83
N GLU A 39 -3.95 -12.76 -6.01
CA GLU A 39 -4.04 -12.98 -4.57
C GLU A 39 -5.47 -13.01 -4.09
N ASN A 40 -6.37 -12.29 -4.75
CA ASN A 40 -7.76 -12.18 -4.28
C ASN A 40 -7.80 -11.66 -2.85
N GLU A 41 -6.97 -10.68 -2.58
CA GLU A 41 -6.89 -10.11 -1.23
C GLU A 41 -7.15 -8.63 -1.30
N GLY A 42 -7.64 -8.09 -0.19
CA GLY A 42 -7.82 -6.67 -0.07
C GLY A 42 -6.81 -6.13 0.92
N ASP A 43 -6.14 -5.07 0.50
CA ASP A 43 -5.16 -4.39 1.34
C ASP A 43 -5.73 -3.05 1.77
N ILE A 44 -5.58 -2.72 3.05
CA ILE A 44 -5.69 -1.33 3.46
C ILE A 44 -4.51 -0.56 2.92
N ILE A 45 -4.78 0.60 2.32
CA ILE A 45 -3.80 1.51 1.78
C ILE A 45 -3.94 2.87 2.45
N TYR A 46 -2.84 3.43 2.89
CA TYR A 46 -2.81 4.81 3.33
C TYR A 46 -1.70 5.58 2.65
N ALA A 47 -1.92 6.87 2.43
CA ALA A 47 -0.83 7.75 2.01
C ALA A 47 0.14 7.98 3.15
N VAL A 48 1.44 7.99 2.83
CA VAL A 48 2.45 8.25 3.84
C VAL A 48 2.35 9.69 4.34
N GLU A 49 2.08 10.63 3.42
CA GLU A 49 2.05 12.06 3.71
C GLU A 49 1.20 12.40 4.93
N SER A 50 0.09 11.72 5.08
CA SER A 50 -0.88 12.01 6.12
C SER A 50 -0.97 10.89 7.15
N LEU A 51 -0.02 9.95 7.13
CA LEU A 51 -0.10 8.78 8.00
C LEU A 51 0.00 9.15 9.46
N THR A 52 -0.90 8.60 10.27
CA THR A 52 -0.93 8.81 11.71
C THR A 52 -0.69 7.51 12.47
N THR A 53 -0.33 7.67 13.74
CA THR A 53 -0.21 6.51 14.62
C THR A 53 -1.51 5.72 14.66
N ALA A 54 -2.66 6.41 14.75
CA ALA A 54 -3.92 5.69 14.85
C ALA A 54 -4.20 4.88 13.59
N GLN A 55 -3.83 5.40 12.42
CA GLN A 55 -3.99 4.61 11.20
C GLN A 55 -3.06 3.38 11.19
N MET A 56 -1.81 3.55 11.63
CA MET A 56 -0.91 2.40 11.73
C MET A 56 -1.43 1.39 12.75
N ALA A 57 -1.93 1.87 13.88
CA ALA A 57 -2.48 0.93 14.87
C ALA A 57 -3.64 0.14 14.31
N LEU A 58 -4.49 0.77 13.50
CA LEU A 58 -5.60 0.03 12.89
C LEU A 58 -5.06 -1.06 11.95
N MET A 59 -4.09 -0.72 11.11
CA MET A 59 -3.47 -1.72 10.24
C MET A 59 -2.92 -2.89 11.04
N ILE A 60 -2.20 -2.61 12.11
CA ILE A 60 -1.64 -3.69 12.93
C ILE A 60 -2.76 -4.53 13.53
N ARG A 61 -3.77 -3.86 14.09
N ARG A 61 -3.79 -3.88 14.07
CA ARG A 61 -4.87 -4.57 14.76
CA ARG A 61 -4.84 -4.63 14.76
C ARG A 61 -5.66 -5.44 13.79
C ARG A 61 -5.69 -5.44 13.79
N GLU A 62 -5.93 -4.91 12.59
CA GLU A 62 -6.90 -5.53 11.68
C GLU A 62 -6.25 -6.29 10.53
N CYS A 63 -4.96 -6.11 10.30
CA CYS A 63 -4.32 -6.68 9.12
C CYS A 63 -3.25 -7.67 9.56
N SER A 64 -2.49 -8.17 8.58
CA SER A 64 -1.46 -9.18 8.83
C SER A 64 -0.40 -8.69 9.81
N GLY A 65 -0.27 -7.38 9.96
CA GLY A 65 0.80 -6.80 10.76
C GLY A 65 2.09 -6.61 10.02
N ILE A 66 2.22 -7.19 8.83
CA ILE A 66 3.46 -7.09 8.06
C ILE A 66 3.23 -5.88 7.14
N VAL A 67 3.51 -4.70 7.69
CA VAL A 67 3.10 -3.46 7.04
C VAL A 67 4.21 -3.06 6.08
N CYS A 68 3.85 -2.86 4.82
CA CYS A 68 4.82 -2.59 3.77
C CYS A 68 4.77 -1.14 3.32
N LEU A 69 5.93 -0.64 2.93
CA LEU A 69 6.11 0.71 2.41
C LEU A 69 6.36 0.64 0.91
N CYS A 70 5.41 1.10 0.12
CA CYS A 70 5.53 1.07 -1.33
C CYS A 70 6.22 2.33 -1.80
N LEU A 71 7.38 2.14 -2.44
CA LEU A 71 8.22 3.21 -2.94
C LEU A 71 8.41 3.10 -4.44
N THR A 72 8.68 4.24 -5.06
CA THR A 72 9.18 4.21 -6.43
C THR A 72 10.58 3.59 -6.47
N GLU A 73 10.96 3.10 -7.66
CA GLU A 73 12.33 2.63 -7.83
C GLU A 73 13.35 3.72 -7.48
N ALA A 74 13.04 4.98 -7.82
CA ALA A 74 13.98 6.07 -7.58
C ALA A 74 14.21 6.27 -6.08
N GLN A 75 13.12 6.25 -5.31
CA GLN A 75 13.25 6.42 -3.86
C GLN A 75 13.97 5.24 -3.22
N ALA A 76 13.66 4.00 -3.64
CA ALA A 76 14.38 2.86 -3.07
C ALA A 76 15.87 2.93 -3.42
N ASP A 77 16.20 3.39 -4.62
CA ASP A 77 17.60 3.56 -5.02
C ASP A 77 18.27 4.64 -4.19
N ARG A 78 17.59 5.78 -3.99
CA ARG A 78 18.12 6.85 -3.15
C ARG A 78 18.46 6.31 -1.77
N LEU A 79 17.62 5.43 -1.22
CA LEU A 79 17.82 4.87 0.10
C LEU A 79 18.81 3.72 0.12
N ALA A 80 19.31 3.31 -1.03
CA ALA A 80 20.24 2.17 -1.11
C ALA A 80 19.60 0.92 -0.54
N LEU A 81 18.37 0.63 -1.00
CA LEU A 81 17.63 -0.57 -0.63
C LEU A 81 17.57 -1.52 -1.81
N PRO A 82 18.50 -2.47 -1.93
CA PRO A 82 18.40 -3.47 -2.98
C PRO A 82 17.35 -4.51 -2.61
N PRO A 83 16.94 -5.35 -3.56
CA PRO A 83 16.03 -6.44 -3.21
C PRO A 83 16.60 -7.26 -2.07
N MET A 84 15.71 -7.78 -1.23
CA MET A 84 16.12 -8.63 -0.13
C MET A 84 16.79 -9.89 -0.64
N VAL A 85 16.35 -10.41 -1.78
CA VAL A 85 16.86 -11.66 -2.30
C VAL A 85 17.21 -11.48 -3.76
N VAL A 86 18.37 -12.00 -4.16
CA VAL A 86 18.80 -11.84 -5.55
C VAL A 86 17.87 -12.58 -6.49
N ASN A 87 17.62 -13.86 -6.21
CA ASN A 87 16.80 -14.74 -7.04
C ASN A 87 15.46 -14.94 -6.33
N ASN A 88 14.58 -13.98 -6.53
CA ASN A 88 13.24 -14.01 -5.96
C ASN A 88 12.43 -15.14 -6.58
N ASN A 89 12.04 -16.13 -5.77
CA ASN A 89 11.14 -17.18 -6.24
C ASN A 89 9.84 -17.23 -5.44
N SER A 90 9.45 -16.10 -4.84
CA SER A 90 8.07 -15.97 -4.37
C SER A 90 7.10 -16.05 -5.55
N ALA A 91 5.85 -16.46 -5.25
CA ALA A 91 4.87 -16.72 -6.30
C ALA A 91 4.63 -15.50 -7.20
N ASN A 92 4.50 -14.30 -6.60
CA ASN A 92 4.24 -13.09 -7.37
C ASN A 92 5.48 -12.24 -7.59
N GLN A 93 6.64 -12.72 -7.18
CA GLN A 93 7.86 -11.93 -7.25
C GLN A 93 7.68 -10.60 -6.52
N THR A 94 7.07 -10.66 -5.33
CA THR A 94 6.88 -9.49 -4.48
C THR A 94 8.22 -8.82 -4.21
N ALA A 95 8.31 -7.51 -4.44
CA ALA A 95 9.63 -6.84 -4.56
C ALA A 95 10.11 -6.27 -3.22
N PHE A 96 10.22 -7.18 -2.24
CA PHE A 96 10.74 -6.82 -0.93
C PHE A 96 12.18 -6.37 -1.05
N THR A 97 12.48 -5.21 -0.49
CA THR A 97 13.87 -4.84 -0.23
C THR A 97 14.26 -5.39 1.14
N VAL A 98 15.51 -5.16 1.53
N VAL A 98 15.51 -5.15 1.54
CA VAL A 98 15.91 -5.34 2.93
CA VAL A 98 15.88 -5.37 2.94
C VAL A 98 14.93 -4.58 3.82
C VAL A 98 14.96 -4.55 3.85
N SER A 99 14.63 -5.11 5.01
CA SER A 99 13.75 -4.42 5.95
C SER A 99 14.50 -3.28 6.63
N ILE A 100 13.75 -2.31 7.17
CA ILE A 100 14.34 -1.05 7.59
C ILE A 100 13.79 -0.63 8.95
N GLU A 101 14.60 0.16 9.66
CA GLU A 101 14.23 0.82 10.90
C GLU A 101 14.75 2.25 10.82
N ALA A 102 13.99 3.22 11.27
CA ALA A 102 14.60 4.54 11.43
C ALA A 102 15.84 4.39 12.31
N LYS A 103 16.93 5.04 11.89
CA LYS A 103 18.15 5.01 12.71
C LYS A 103 17.97 5.81 13.99
N HIS A 104 17.25 6.92 13.92
CA HIS A 104 16.94 7.76 15.06
C HIS A 104 15.44 7.96 15.24
N GLY A 105 15.06 8.23 16.49
CA GLY A 105 13.68 8.61 16.79
C GLY A 105 12.76 7.46 17.17
N VAL A 106 13.29 6.25 17.28
CA VAL A 106 12.52 5.05 17.61
C VAL A 106 13.25 4.30 18.70
N THR A 107 12.58 3.27 19.23
CA THR A 107 13.22 2.39 20.20
C THR A 107 13.31 1.01 19.56
N THR A 108 12.36 0.11 19.81
CA THR A 108 12.42 -1.24 19.26
C THR A 108 11.91 -1.33 17.84
N GLY A 109 11.21 -0.31 17.35
CA GLY A 109 10.80 -0.20 15.97
C GLY A 109 9.42 -0.71 15.67
N VAL A 110 8.81 -1.48 16.57
CA VAL A 110 7.57 -2.17 16.24
C VAL A 110 6.31 -1.44 16.68
N SER A 111 6.41 -0.48 17.60
CA SER A 111 5.21 0.24 18.00
C SER A 111 4.63 0.97 16.80
N ALA A 112 3.32 1.23 16.85
CA ALA A 112 2.70 1.96 15.75
C ALA A 112 3.41 3.27 15.49
N GLN A 113 3.74 4.01 16.55
CA GLN A 113 4.44 5.28 16.35
C GLN A 113 5.80 5.06 15.69
N ASP A 114 6.54 4.05 16.15
CA ASP A 114 7.88 3.80 15.62
C ASP A 114 7.80 3.45 14.14
N ARG A 115 6.81 2.64 13.75
CA ARG A 115 6.71 2.28 12.35
C ARG A 115 6.44 3.52 11.52
N VAL A 116 5.59 4.40 12.02
CA VAL A 116 5.32 5.64 11.29
C VAL A 116 6.59 6.48 11.16
N THR A 117 7.36 6.60 12.25
CA THR A 117 8.62 7.35 12.20
C THR A 117 9.53 6.78 11.13
N THR A 118 9.67 5.46 11.10
CA THR A 118 10.53 4.83 10.09
C THR A 118 10.01 5.12 8.67
N ILE A 119 8.69 5.02 8.49
CA ILE A 119 8.09 5.19 7.18
C ILE A 119 8.28 6.62 6.69
N LYS A 120 7.99 7.61 7.54
CA LYS A 120 8.21 9.00 7.17
C LYS A 120 9.69 9.27 6.90
N THR A 121 10.59 8.64 7.66
CA THR A 121 12.03 8.83 7.46
C THR A 121 12.45 8.29 6.09
N ALA A 122 11.94 7.10 5.73
CA ALA A 122 12.30 6.48 4.46
C ALA A 122 11.68 7.24 3.29
N ALA A 123 10.45 7.74 3.44
CA ALA A 123 9.72 8.35 2.33
C ALA A 123 10.14 9.79 2.10
N ASN A 124 10.89 10.37 3.02
CA ASN A 124 11.36 11.74 2.91
C ASN A 124 12.10 11.93 1.58
N PRO A 125 11.68 12.89 0.74
CA PRO A 125 12.37 13.10 -0.55
C PRO A 125 13.84 13.43 -0.40
N GLN A 126 14.26 13.90 0.79
CA GLN A 126 15.65 14.24 1.10
C GLN A 126 16.35 13.17 1.91
N ALA A 127 15.76 11.99 2.01
CA ALA A 127 16.38 10.95 2.80
C ALA A 127 17.70 10.53 2.21
N LYS A 128 18.55 9.99 3.07
CA LYS A 128 19.80 9.36 2.69
C LYS A 128 19.88 7.96 3.30
N PRO A 129 20.62 7.05 2.68
CA PRO A 129 20.71 5.68 3.20
C PRO A 129 20.98 5.62 4.70
N GLU A 130 21.88 6.45 5.23
CA GLU A 130 22.27 6.37 6.64
C GLU A 130 21.12 6.68 7.58
N ASP A 131 20.04 7.27 7.09
CA ASP A 131 18.89 7.57 7.95
C ASP A 131 18.17 6.30 8.42
N LEU A 132 18.44 5.15 7.81
CA LEU A 132 17.73 3.92 8.08
C LEU A 132 18.71 2.84 8.50
N ALA A 133 18.42 2.21 9.62
CA ALA A 133 19.10 0.97 9.98
C ALA A 133 18.48 -0.22 9.23
N ARG A 134 19.29 -1.26 9.04
CA ARG A 134 18.82 -2.50 8.41
C ARG A 134 19.40 -3.64 9.24
N PRO A 135 18.61 -4.66 9.58
CA PRO A 135 17.21 -4.90 9.26
C PRO A 135 16.31 -4.17 10.22
N GLY A 136 15.01 -4.30 10.02
CA GLY A 136 14.06 -3.63 10.86
C GLY A 136 12.67 -4.18 10.71
N HIS A 137 11.68 -3.36 11.06
CA HIS A 137 10.30 -3.85 11.16
C HIS A 137 9.33 -3.14 10.21
N VAL A 138 9.83 -2.42 9.22
CA VAL A 138 9.05 -1.90 8.10
C VAL A 138 9.61 -2.57 6.85
N PHE A 139 8.73 -2.97 5.93
CA PHE A 139 9.11 -3.78 4.76
C PHE A 139 8.87 -3.02 3.47
N PRO A 140 9.89 -2.38 2.91
CA PRO A 140 9.68 -1.65 1.65
C PRO A 140 9.56 -2.56 0.46
N LEU A 141 8.81 -2.06 -0.51
CA LEU A 141 8.50 -2.77 -1.75
C LEU A 141 8.74 -1.82 -2.90
N ARG A 142 9.43 -2.29 -3.93
CA ARG A 142 9.76 -1.47 -5.10
C ARG A 142 8.67 -1.59 -6.15
N ALA A 143 7.92 -0.52 -6.39
CA ALA A 143 6.92 -0.53 -7.44
C ALA A 143 7.61 -0.50 -8.81
N ARG A 144 7.10 -1.32 -9.74
CA ARG A 144 7.60 -1.31 -11.11
C ARG A 144 7.28 -0.02 -11.84
N ALA A 145 8.19 0.39 -12.71
CA ALA A 145 7.92 1.51 -13.60
C ALA A 145 6.73 1.18 -14.49
N GLY A 146 5.82 2.13 -14.61
CA GLY A 146 4.56 1.89 -15.31
C GLY A 146 3.41 1.56 -14.40
N GLY A 147 3.66 1.20 -13.15
CA GLY A 147 2.55 0.99 -12.25
C GLY A 147 1.67 -0.15 -12.68
N VAL A 148 0.36 0.00 -12.46
CA VAL A 148 -0.54 -1.10 -12.66
C VAL A 148 -0.66 -1.41 -14.15
N LEU A 149 -0.20 -0.52 -15.02
CA LEU A 149 -0.14 -0.82 -16.44
C LEU A 149 1.03 -1.69 -16.82
N ALA A 150 1.96 -1.93 -15.89
CA ALA A 150 3.08 -2.84 -16.08
C ALA A 150 3.02 -4.07 -15.18
N ARG A 151 2.49 -3.93 -13.97
CA ARG A 151 2.39 -5.04 -13.04
C ARG A 151 1.14 -4.82 -12.22
N ARG A 152 0.24 -5.82 -12.20
CA ARG A 152 -1.06 -5.69 -11.55
C ARG A 152 -0.99 -6.04 -10.07
N GLY A 153 0.00 -5.48 -9.37
CA GLY A 153 0.15 -5.73 -7.95
C GLY A 153 -0.39 -4.60 -7.06
N HIS A 154 -0.67 -4.95 -5.79
CA HIS A 154 -1.05 -3.91 -4.83
C HIS A 154 0.07 -2.88 -4.67
N THR A 155 1.32 -3.32 -4.85
CA THR A 155 2.46 -2.40 -4.73
C THR A 155 2.32 -1.28 -5.74
N GLU A 156 2.10 -1.64 -7.00
CA GLU A 156 1.94 -0.64 -8.05
C GLU A 156 0.65 0.14 -7.84
N GLY A 157 -0.40 -0.54 -7.41
CA GLY A 157 -1.64 0.17 -7.13
C GLY A 157 -1.44 1.26 -6.10
N THR A 158 -0.70 0.95 -5.04
CA THR A 158 -0.47 1.93 -3.98
C THR A 158 0.25 3.16 -4.53
N VAL A 159 1.38 2.98 -5.20
CA VAL A 159 2.11 4.14 -5.71
C VAL A 159 1.30 4.89 -6.76
N ASP A 160 0.58 4.17 -7.63
CA ASP A 160 -0.24 4.83 -8.64
C ASP A 160 -1.34 5.67 -8.00
N LEU A 161 -2.00 5.14 -6.97
CA LEU A 161 -3.05 5.90 -6.31
C LEU A 161 -2.51 7.23 -5.77
N MET A 162 -1.35 7.20 -5.12
CA MET A 162 -0.77 8.43 -4.62
C MET A 162 -0.49 9.42 -5.74
N GLN A 163 0.14 8.93 -6.82
CA GLN A 163 0.44 9.80 -7.95
C GLN A 163 -0.83 10.35 -8.58
N MET A 164 -1.84 9.50 -8.76
CA MET A 164 -3.07 9.94 -9.39
C MET A 164 -3.79 10.97 -8.53
N ALA A 165 -3.60 10.90 -7.20
CA ALA A 165 -4.24 11.80 -6.27
C ALA A 165 -3.44 13.07 -6.06
N GLY A 166 -2.28 13.16 -6.71
CA GLY A 166 -1.40 14.31 -6.53
C GLY A 166 -0.69 14.34 -5.20
N LEU A 167 -0.46 13.18 -4.60
CA LEU A 167 0.25 13.06 -3.34
C LEU A 167 1.68 12.59 -3.56
N GLN A 168 2.51 12.74 -2.54
CA GLN A 168 3.87 12.26 -2.66
C GLN A 168 3.81 10.75 -2.89
N PRO A 169 4.67 10.22 -3.75
CA PRO A 169 4.46 8.87 -4.31
C PRO A 169 4.98 7.78 -3.38
N ALA A 170 4.38 7.71 -2.20
CA ALA A 170 4.72 6.68 -1.22
C ALA A 170 3.45 6.35 -0.45
N GLY A 171 3.19 5.06 -0.23
CA GLY A 171 2.02 4.68 0.53
C GLY A 171 2.34 3.42 1.29
N VAL A 172 1.49 3.10 2.26
CA VAL A 172 1.65 1.86 3.00
C VAL A 172 0.49 0.94 2.68
N LEU A 173 0.75 -0.36 2.79
CA LEU A 173 -0.30 -1.35 2.61
C LEU A 173 -0.18 -2.46 3.63
N CYS A 174 -1.31 -3.15 3.84
CA CYS A 174 -1.30 -4.36 4.67
C CYS A 174 -2.56 -5.14 4.41
N GLU A 175 -2.46 -6.46 4.44
CA GLU A 175 -3.58 -7.31 4.01
C GLU A 175 -4.62 -7.47 5.09
N LEU A 176 -5.87 -7.23 4.74
CA LEU A 176 -6.94 -7.33 5.73
C LEU A 176 -7.15 -8.78 6.14
N THR A 177 -7.18 -9.03 7.44
CA THR A 177 -7.21 -10.36 8.01
C THR A 177 -8.45 -10.48 8.89
N ASN A 178 -9.18 -11.58 8.74
CA ASN A 178 -10.29 -11.88 9.64
C ASN A 178 -9.77 -12.29 11.01
N PRO A 179 -10.59 -12.15 12.06
CA PRO A 179 -10.10 -12.48 13.41
C PRO A 179 -9.61 -13.91 13.55
N ASP A 180 -10.19 -14.85 12.82
CA ASP A 180 -9.75 -16.24 12.95
C ASP A 180 -8.46 -16.51 12.20
N GLY A 181 -7.88 -15.50 11.58
CA GLY A 181 -6.58 -15.61 10.95
C GLY A 181 -6.64 -15.88 9.47
N SER A 182 -7.83 -16.19 8.93
CA SER A 182 -7.98 -16.30 7.49
C SER A 182 -7.98 -14.91 6.89
N MET A 183 -7.73 -14.83 5.60
CA MET A 183 -7.66 -13.55 4.92
C MET A 183 -9.06 -13.11 4.48
N ALA A 184 -9.32 -11.83 4.64
CA ALA A 184 -10.62 -11.29 4.27
C ALA A 184 -10.82 -11.41 2.76
N LYS A 185 -12.01 -11.83 2.39
CA LYS A 185 -12.43 -11.86 1.01
C LYS A 185 -13.44 -10.75 0.79
N THR A 186 -13.90 -10.63 -0.44
CA THR A 186 -14.63 -9.44 -0.85
C THR A 186 -15.78 -9.06 0.07
N PRO A 187 -16.65 -9.98 0.50
CA PRO A 187 -17.75 -9.53 1.37
C PRO A 187 -17.27 -8.90 2.66
N GLU A 188 -16.23 -9.49 3.28
CA GLU A 188 -15.67 -8.95 4.52
C GLU A 188 -14.95 -7.63 4.27
N ILE A 189 -14.26 -7.51 3.13
CA ILE A 189 -13.63 -6.25 2.75
C ILE A 189 -14.66 -5.15 2.60
N ILE A 190 -15.76 -5.46 1.90
CA ILE A 190 -16.81 -4.47 1.70
C ILE A 190 -17.36 -4.02 3.04
N GLU A 191 -17.64 -4.97 3.92
CA GLU A 191 -18.21 -4.65 5.23
C GLU A 191 -17.22 -3.85 6.07
N PHE A 192 -15.93 -4.18 5.99
CA PHE A 192 -14.91 -3.39 6.68
C PHE A 192 -14.87 -1.96 6.15
N GLY A 193 -14.96 -1.79 4.83
CA GLY A 193 -14.93 -0.45 4.25
C GLY A 193 -16.14 0.38 4.64
N LYS A 194 -17.31 -0.25 4.71
CA LYS A 194 -18.47 0.47 5.22
C LYS A 194 -18.28 0.85 6.69
N LEU A 195 -17.78 -0.08 7.50
CA LEU A 195 -17.59 0.21 8.91
C LEU A 195 -16.62 1.37 9.12
N HIS A 196 -15.54 1.41 8.34
CA HIS A 196 -14.49 2.39 8.57
C HIS A 196 -14.52 3.52 7.56
N ASN A 197 -15.59 3.64 6.79
CA ASN A 197 -15.77 4.70 5.81
C ASN A 197 -14.57 4.79 4.89
N MET A 198 -14.16 3.64 4.34
CA MET A 198 -13.05 3.52 3.39
C MET A 198 -13.56 3.02 2.05
N PRO A 199 -13.29 3.76 0.97
CA PRO A 199 -13.68 3.30 -0.36
C PRO A 199 -12.97 2.01 -0.73
N VAL A 200 -13.65 1.18 -1.53
CA VAL A 200 -13.14 -0.07 -2.05
C VAL A 200 -13.02 0.06 -3.56
N LEU A 201 -11.91 -0.43 -4.12
CA LEU A 201 -11.74 -0.42 -5.56
C LEU A 201 -10.83 -1.58 -5.89
N THR A 202 -10.66 -1.84 -7.19
CA THR A 202 -9.85 -2.96 -7.62
C THR A 202 -8.74 -2.49 -8.54
N ILE A 203 -7.74 -3.38 -8.73
CA ILE A 203 -6.66 -3.09 -9.66
C ILE A 203 -7.23 -2.95 -11.07
N GLU A 204 -8.17 -3.83 -11.42
CA GLU A 204 -8.83 -3.71 -12.73
C GLU A 204 -9.47 -2.35 -12.90
N ASP A 205 -10.12 -1.83 -11.86
CA ASP A 205 -10.65 -0.47 -11.92
C ASP A 205 -9.54 0.51 -12.28
N MET A 206 -8.40 0.41 -11.61
CA MET A 206 -7.33 1.37 -11.85
C MET A 206 -6.78 1.25 -13.26
N VAL A 207 -6.61 0.03 -13.76
CA VAL A 207 -6.04 -0.18 -15.09
C VAL A 207 -6.93 0.47 -16.15
N GLN A 208 -8.22 0.13 -16.16
CA GLN A 208 -9.11 0.71 -17.15
C GLN A 208 -9.22 2.23 -16.97
N TYR A 209 -9.19 2.71 -15.73
CA TYR A 209 -9.16 4.15 -15.52
C TYR A 209 -7.90 4.78 -16.12
N ARG A 210 -6.73 4.19 -15.85
CA ARG A 210 -5.51 4.81 -16.35
C ARG A 210 -5.48 4.76 -17.88
N ILE A 211 -5.96 3.68 -18.49
CA ILE A 211 -5.97 3.57 -19.94
C ILE A 211 -6.87 4.64 -20.54
N GLN A 212 -8.11 4.73 -20.05
CA GLN A 212 -9.09 5.58 -20.73
C GLN A 212 -8.78 7.06 -20.59
N PHE A 213 -8.20 7.46 -19.45
CA PHE A 213 -7.82 8.85 -19.26
C PHE A 213 -6.38 9.02 -19.50
N ASP A 214 -5.85 8.06 -20.19
CA ASP A 214 -4.64 8.39 -20.82
C ASP A 214 -3.61 8.92 -19.85
N LEU A 215 -3.47 8.20 -18.77
CA LEU A 215 -2.80 8.67 -17.59
C LEU A 215 -1.42 8.01 -17.50
N LYS A 216 -0.44 8.69 -18.08
CA LYS A 216 0.95 8.47 -17.71
C LYS A 216 1.18 8.97 -16.29
N LEU A 217 2.23 8.47 -15.65
CA LEU A 217 2.54 8.90 -14.30
C LEU A 217 4.05 8.85 -14.07
C2 5RP B . 2.85 -7.72 1.25
C3 5RP B . 2.32 -8.73 0.24
C5 5RP B . 1.02 -8.46 -0.50
O13 5RP B . 0.90 -9.41 -1.51
C6 5RP B . 1.07 -7.02 -1.04
O14 5RP B . -0.26 -6.76 -1.47
C7 5RP B . 2.07 -6.64 -2.13
O8 5RP B . 2.22 -7.59 -3.09
P9 5RP B . 1.71 -7.32 -4.62
O12 5RP B . 0.20 -7.47 -4.78
O11 5RP B . 2.40 -8.47 -5.33
O10 5RP B . 2.22 -6.02 -5.18
O4 5RP B . 2.94 -9.72 0.02
O1 5RP B . 3.59 -8.40 2.23
H21 5RP B . 3.49 -7.00 0.74
H22 5RP B . 2.03 -7.20 1.72
H5 5RP B . 0.18 -8.56 0.18
H13 5RP B . 0.59 -10.22 -1.15
H6 5RP B . 1.25 -6.37 -0.20
H14 5RP B . -0.84 -6.75 -0.72
H71 5RP B . 1.74 -5.72 -2.59
H72 5RP B . 3.03 -6.47 -1.66
HO1 5RP B . 3.00 -8.82 2.83
#